data_6DQQ
#
_entry.id   6DQQ
#
_cell.length_a   49.990
_cell.length_b   90.898
_cell.length_c   108.778
_cell.angle_alpha   90.000
_cell.angle_beta   90.000
_cell.angle_gamma   90.000
#
_symmetry.space_group_name_H-M   'P 21 21 21'
#
loop_
_entity.id
_entity.type
_entity.pdbx_description
1 polymer 'Periplasmic oligopeptide-binding protein'
2 polymer ALA-ALA-ALA-ALA
3 non-polymer 'ACETATE ION'
4 non-polymer 'SULFATE ION'
5 water water
#
loop_
_entity_poly.entity_id
_entity_poly.type
_entity_poly.pdbx_seq_one_letter_code
_entity_poly.pdbx_strand_id
1 'polypeptide(L)'
;VIVPEGTQLDEKQHIVINNGAEPQSFDPHKTEGVPESNVAYQLLEGLVTSDSEGKLQPGAAESWENTPDFKTWTFHLRKD
AKWSNGDPVTAHDFVFAWRRLVDPATAAPYASYLSYLQVENAQDIIDGKKKPAELGVEAKDDYTFVVHATNPVPYAVSLT
THQSLLPLPQKVVEKLGDAWVKKENYVGNGAYKLANHIINEKIEFERNPLYWNDKETVINSATFLAIENPSTDVARYRAG
DLDMTSYGLPPEQFAKLKKELLGEVYVTRTLGTYSYELNNKKAPFDNVNIRKALNLSLDRNVITDKVLGQGQTPTYVFTP
TYIEEGHLIQQPAYSKEPMAQRNEEAIKLLEEAGYSKANPLKFSILYNTNENHKKVAIAAASMWKANTKGLIDVKLENQE
WKTYIDSRRAGRYDVARAGWHADYNQATTFGNYFLSNSSNNTAKYANPEYDKAMAESYAATDAEGRAKAYAKAEEILGKD
YGIVPIFNYVNPRLVKPYVKGYSGKDPQDHIYLRNLYIIKH
;
A
2 'polypeptide(L)' AAAA B
#
loop_
_chem_comp.id
_chem_comp.type
_chem_comp.name
_chem_comp.formula
ACT non-polymer 'ACETATE ION' 'C2 H3 O2 -1'
SO4 non-polymer 'SULFATE ION' 'O4 S -2'
#
# COMPACT_ATOMS: atom_id res chain seq x y z
N VAL A 1 -8.16 15.57 -24.39
CA VAL A 1 -8.91 16.04 -23.18
C VAL A 1 -7.91 16.35 -22.04
N ILE A 2 -7.00 15.41 -21.70
CA ILE A 2 -6.04 15.61 -20.55
C ILE A 2 -4.95 16.65 -20.93
N VAL A 3 -4.78 16.90 -22.23
CA VAL A 3 -3.77 17.81 -22.74
C VAL A 3 -4.39 19.20 -22.86
N PRO A 4 -3.85 20.24 -22.18
CA PRO A 4 -4.27 21.63 -22.40
C PRO A 4 -4.25 21.98 -23.90
N GLU A 5 -5.24 22.74 -24.38
CA GLU A 5 -5.33 23.15 -25.80
C GLU A 5 -4.02 23.86 -26.19
N GLY A 6 -3.56 23.60 -27.41
CA GLY A 6 -2.38 24.25 -27.98
C GLY A 6 -1.06 23.59 -27.62
N THR A 7 -1.02 22.75 -26.56
CA THR A 7 0.24 22.14 -26.06
C THR A 7 0.91 21.34 -27.19
N GLN A 8 2.24 21.50 -27.33
CA GLN A 8 3.00 20.72 -28.28
C GLN A 8 3.39 19.39 -27.63
N LEU A 9 2.67 18.34 -28.00
CA LEU A 9 2.96 16.99 -27.60
C LEU A 9 4.15 16.48 -28.42
N ASP A 10 4.97 15.67 -27.77
CA ASP A 10 6.01 14.92 -28.44
C ASP A 10 5.34 13.82 -29.29
N GLU A 11 6.05 13.39 -30.32
CA GLU A 11 5.51 12.42 -31.29
C GLU A 11 5.57 10.99 -30.74
N LYS A 12 6.61 10.65 -30.00
CA LYS A 12 6.85 9.21 -29.65
C LYS A 12 5.91 8.71 -28.53
N GLN A 13 5.79 9.54 -27.49
CA GLN A 13 5.03 9.29 -26.23
C GLN A 13 5.49 7.98 -25.58
N HIS A 14 6.78 7.95 -25.22
CA HIS A 14 7.40 6.85 -24.48
C HIS A 14 7.86 7.41 -23.14
N ILE A 15 7.70 6.61 -22.07
CA ILE A 15 8.20 7.02 -20.75
C ILE A 15 8.84 5.82 -20.03
N VAL A 16 9.87 6.11 -19.25
CA VAL A 16 10.56 5.13 -18.41
C VAL A 16 10.42 5.55 -16.95
N ILE A 17 9.91 4.63 -16.13
CA ILE A 17 9.63 4.89 -14.73
C ILE A 17 10.30 3.80 -13.91
N ASN A 18 10.95 4.17 -12.82
CA ASN A 18 11.43 3.16 -11.89
C ASN A 18 10.27 2.69 -11.02
N ASN A 19 10.01 1.39 -11.09
CA ASN A 19 8.99 0.74 -10.27
C ASN A 19 9.65 0.13 -9.01
N GLY A 20 10.98 0.14 -8.88
CA GLY A 20 11.60 -0.05 -7.56
C GLY A 20 12.02 -1.48 -7.22
N ALA A 21 11.31 -2.47 -7.75
CA ALA A 21 11.54 -3.88 -7.44
C ALA A 21 10.86 -4.78 -8.48
N GLU A 22 11.31 -6.04 -8.58
CA GLU A 22 10.62 -7.04 -9.35
C GLU A 22 9.31 -7.40 -8.64
N PRO A 23 8.13 -7.27 -9.28
CA PRO A 23 6.88 -7.64 -8.63
C PRO A 23 6.76 -9.15 -8.37
N GLN A 24 6.08 -9.50 -7.30
CA GLN A 24 5.76 -10.89 -6.97
C GLN A 24 4.98 -11.57 -8.09
N SER A 25 4.03 -10.85 -8.69
CA SER A 25 3.05 -11.41 -9.60
C SER A 25 2.28 -10.26 -10.25
N PHE A 26 1.77 -10.54 -11.44
CA PHE A 26 0.86 -9.65 -12.14
C PHE A 26 -0.62 -10.01 -11.91
N ASP A 27 -0.90 -10.99 -11.04
CA ASP A 27 -2.23 -11.40 -10.66
C ASP A 27 -2.60 -10.63 -9.38
N PRO A 28 -3.62 -9.76 -9.44
CA PRO A 28 -3.98 -8.91 -8.31
C PRO A 28 -4.51 -9.69 -7.10
N HIS A 29 -4.76 -10.99 -7.26
CA HIS A 29 -5.20 -11.80 -6.11
C HIS A 29 -4.02 -12.46 -5.40
N LYS A 30 -2.82 -12.27 -5.94
CA LYS A 30 -1.65 -12.98 -5.41
C LYS A 30 -0.64 -12.00 -4.81
N THR A 31 -0.99 -10.72 -4.69
CA THR A 31 -0.03 -9.70 -4.34
C THR A 31 -0.59 -8.72 -3.30
N GLU A 32 0.30 -7.91 -2.74
CA GLU A 32 -0.06 -7.01 -1.67
C GLU A 32 0.82 -5.77 -1.64
N GLY A 33 1.67 -5.54 -2.65
CA GLY A 33 2.64 -4.43 -2.58
C GLY A 33 2.45 -3.35 -3.65
N VAL A 34 3.12 -2.22 -3.44
CA VAL A 34 3.09 -1.12 -4.41
C VAL A 34 3.66 -1.52 -5.77
N PRO A 35 4.83 -2.19 -5.89
CA PRO A 35 5.35 -2.54 -7.21
C PRO A 35 4.29 -3.32 -8.02
N GLU A 36 3.60 -4.24 -7.34
CA GLU A 36 2.59 -5.10 -7.95
C GLU A 36 1.40 -4.27 -8.41
N SER A 37 0.92 -3.35 -7.55
CA SER A 37 -0.24 -2.58 -7.85
C SER A 37 0.03 -1.64 -9.03
N ASN A 38 1.25 -1.10 -9.09
CA ASN A 38 1.65 -0.21 -10.17
C ASN A 38 1.55 -0.91 -11.52
N VAL A 39 1.85 -2.22 -11.55
CA VAL A 39 1.72 -2.97 -12.80
C VAL A 39 0.22 -3.22 -13.08
N ALA A 40 -0.48 -3.77 -12.10
CA ALA A 40 -1.91 -4.16 -12.23
C ALA A 40 -2.76 -2.97 -12.73
N TYR A 41 -2.47 -1.78 -12.23
CA TYR A 41 -3.27 -0.59 -12.56
C TYR A 41 -3.13 -0.16 -14.02
N GLN A 42 -2.05 -0.58 -14.70
CA GLN A 42 -1.90 -0.30 -16.13
C GLN A 42 -2.71 -1.29 -16.97
N LEU A 43 -2.88 -2.51 -16.47
CA LEU A 43 -3.39 -3.65 -17.27
C LEU A 43 -4.87 -3.91 -17.03
N LEU A 44 -5.39 -3.46 -15.86
CA LEU A 44 -6.77 -3.74 -15.45
C LEU A 44 -7.37 -2.44 -14.92
N GLU A 45 -8.70 -2.37 -14.89
CA GLU A 45 -9.39 -1.19 -14.31
C GLU A 45 -10.67 -1.64 -13.59
N GLY A 46 -10.83 -1.16 -12.35
CA GLY A 46 -11.96 -1.55 -11.52
C GLY A 46 -13.13 -0.58 -11.70
N LEU A 47 -14.12 -0.72 -10.84
CA LEU A 47 -15.36 0.03 -10.90
C LEU A 47 -15.09 1.54 -10.99
N VAL A 48 -14.17 2.01 -10.13
CA VAL A 48 -13.82 3.39 -9.97
C VAL A 48 -12.30 3.49 -10.01
N THR A 49 -11.81 4.60 -10.53
CA THR A 49 -10.36 4.84 -10.64
C THR A 49 -10.08 6.28 -10.19
N SER A 50 -8.88 6.79 -10.42
CA SER A 50 -8.57 8.12 -9.92
C SER A 50 -7.77 8.93 -10.94
N ASP A 51 -7.83 10.25 -10.75
CA ASP A 51 -7.07 11.20 -11.58
C ASP A 51 -5.71 11.45 -10.91
N SER A 52 -4.96 12.39 -11.47
CA SER A 52 -3.59 12.61 -11.08
C SER A 52 -3.47 13.21 -9.66
N GLU A 53 -4.57 13.78 -9.14
CA GLU A 53 -4.64 14.28 -7.78
C GLU A 53 -5.33 13.30 -6.81
N GLY A 54 -5.60 12.07 -7.24
CA GLY A 54 -6.21 11.09 -6.36
C GLY A 54 -7.73 11.26 -6.24
N LYS A 55 -8.36 12.08 -7.07
CA LYS A 55 -9.82 12.26 -6.98
C LYS A 55 -10.48 11.12 -7.75
N LEU A 56 -11.63 10.66 -7.26
CA LEU A 56 -12.26 9.48 -7.82
C LEU A 56 -12.96 9.85 -9.12
N GLN A 57 -12.95 8.91 -10.07
CA GLN A 57 -13.57 9.13 -11.36
C GLN A 57 -14.08 7.78 -11.86
N PRO A 58 -15.10 7.78 -12.73
CA PRO A 58 -15.65 6.52 -13.25
C PRO A 58 -14.55 5.67 -13.90
N GLY A 59 -14.57 4.37 -13.61
CA GLY A 59 -13.70 3.42 -14.29
C GLY A 59 -14.52 2.52 -15.18
N ALA A 60 -14.56 1.25 -14.80
CA ALA A 60 -15.35 0.26 -15.50
C ALA A 60 -16.85 0.54 -15.32
N ALA A 61 -17.22 1.12 -14.17
CA ALA A 61 -18.59 1.63 -13.92
C ALA A 61 -18.69 3.11 -14.34
N GLU A 62 -19.72 3.44 -15.14
CA GLU A 62 -19.99 4.80 -15.53
C GLU A 62 -20.87 5.53 -14.52
N SER A 63 -21.55 4.79 -13.65
CA SER A 63 -22.49 5.37 -12.63
C SER A 63 -22.65 4.37 -11.50
N TRP A 64 -23.06 4.86 -10.33
CA TRP A 64 -23.27 4.05 -9.20
C TRP A 64 -24.12 4.83 -8.20
N GLU A 65 -24.70 4.09 -7.25
CA GLU A 65 -25.50 4.69 -6.18
C GLU A 65 -25.49 3.74 -4.97
N ASN A 66 -25.98 4.25 -3.85
CA ASN A 66 -26.13 3.47 -2.64
C ASN A 66 -27.54 3.66 -2.11
N THR A 67 -28.01 2.68 -1.36
CA THR A 67 -29.20 2.82 -0.53
C THR A 67 -28.88 3.73 0.65
N PRO A 68 -29.86 4.43 1.23
CA PRO A 68 -29.55 5.40 2.29
C PRO A 68 -28.93 4.80 3.58
N ASP A 69 -29.05 3.48 3.78
CA ASP A 69 -28.43 2.77 4.92
C ASP A 69 -26.94 2.43 4.67
N PHE A 70 -26.44 2.74 3.46
CA PHE A 70 -25.00 2.53 3.08
C PHE A 70 -24.67 1.03 3.00
N LYS A 71 -25.67 0.19 2.75
CA LYS A 71 -25.45 -1.25 2.72
C LYS A 71 -25.60 -1.84 1.33
N THR A 72 -26.31 -1.20 0.39
CA THR A 72 -26.43 -1.72 -0.94
C THR A 72 -25.77 -0.75 -1.95
N TRP A 73 -24.86 -1.27 -2.78
CA TRP A 73 -24.05 -0.47 -3.69
C TRP A 73 -24.23 -1.05 -5.08
N THR A 74 -24.78 -0.24 -6.00
CA THR A 74 -25.13 -0.69 -7.32
C THR A 74 -24.27 0.04 -8.35
N PHE A 75 -23.61 -0.73 -9.22
CA PHE A 75 -22.68 -0.18 -10.18
C PHE A 75 -23.18 -0.50 -11.60
N HIS A 76 -23.22 0.53 -12.44
CA HIS A 76 -23.71 0.49 -13.80
C HIS A 76 -22.49 0.46 -14.73
N LEU A 77 -22.28 -0.71 -15.32
CA LEU A 77 -21.12 -0.92 -16.18
C LEU A 77 -21.35 -0.47 -17.62
N ARG A 78 -20.24 -0.11 -18.30
CA ARG A 78 -20.28 0.39 -19.68
C ARG A 78 -20.64 -0.72 -20.66
N LYS A 79 -21.65 -0.47 -21.51
CA LYS A 79 -22.27 -1.51 -22.26
C LYS A 79 -21.35 -1.97 -23.41
N ASP A 80 -20.44 -1.11 -23.88
CA ASP A 80 -19.59 -1.50 -25.02
C ASP A 80 -18.13 -1.76 -24.58
N ALA A 81 -17.84 -1.85 -23.28
CA ALA A 81 -16.46 -2.09 -22.80
C ALA A 81 -16.07 -3.55 -23.06
N LYS A 82 -14.80 -3.69 -23.43
CA LYS A 82 -14.20 -4.95 -23.80
C LYS A 82 -12.86 -5.20 -23.08
N TRP A 83 -12.58 -6.50 -22.95
CA TRP A 83 -11.26 -7.02 -22.63
C TRP A 83 -10.36 -6.90 -23.87
N SER A 84 -9.05 -6.96 -23.64
CA SER A 84 -8.03 -6.77 -24.64
C SER A 84 -8.11 -7.85 -25.75
N ASN A 85 -8.79 -8.96 -25.50
CA ASN A 85 -8.99 -10.03 -26.54
C ASN A 85 -10.32 -9.87 -27.25
N GLY A 86 -11.12 -8.85 -26.90
CA GLY A 86 -12.40 -8.60 -27.57
C GLY A 86 -13.64 -9.07 -26.79
N ASP A 87 -13.47 -9.92 -25.78
CA ASP A 87 -14.55 -10.40 -24.91
C ASP A 87 -15.21 -9.19 -24.26
N PRO A 88 -16.54 -9.18 -24.04
CA PRO A 88 -17.16 -8.09 -23.28
C PRO A 88 -16.81 -8.16 -21.78
N VAL A 89 -16.64 -6.96 -21.18
CA VAL A 89 -16.54 -6.80 -19.74
C VAL A 89 -17.96 -6.73 -19.19
N THR A 90 -18.30 -7.63 -18.28
CA THR A 90 -19.63 -7.68 -17.70
C THR A 90 -19.53 -7.75 -16.17
N ALA A 91 -20.70 -7.63 -15.51
CA ALA A 91 -20.82 -7.81 -14.08
C ALA A 91 -20.41 -9.21 -13.66
N HIS A 92 -20.47 -10.19 -14.58
CA HIS A 92 -20.07 -11.54 -14.26
C HIS A 92 -18.55 -11.63 -14.00
N ASP A 93 -17.77 -10.80 -14.70
CA ASP A 93 -16.35 -10.73 -14.49
C ASP A 93 -16.05 -10.24 -13.07
N PHE A 94 -16.82 -9.24 -12.60
CA PHE A 94 -16.66 -8.72 -11.27
C PHE A 94 -17.08 -9.74 -10.22
N VAL A 95 -18.21 -10.44 -10.45
CA VAL A 95 -18.66 -11.49 -9.54
C VAL A 95 -17.55 -12.56 -9.45
N PHE A 96 -17.08 -12.99 -10.61
CA PHE A 96 -16.02 -14.00 -10.69
C PHE A 96 -14.79 -13.57 -9.89
N ALA A 97 -14.30 -12.35 -10.15
CA ALA A 97 -13.06 -11.88 -9.53
C ALA A 97 -13.21 -11.76 -8.01
N TRP A 98 -14.30 -11.13 -7.55
CA TRP A 98 -14.48 -10.94 -6.14
C TRP A 98 -14.68 -12.28 -5.40
N ARG A 99 -15.33 -13.27 -6.03
CA ARG A 99 -15.39 -14.63 -5.45
C ARG A 99 -13.98 -15.24 -5.35
N ARG A 100 -13.18 -15.06 -6.40
CA ARG A 100 -11.87 -15.66 -6.44
C ARG A 100 -10.97 -15.07 -5.34
N LEU A 101 -11.17 -13.78 -5.02
CA LEU A 101 -10.41 -13.10 -4.01
C LEU A 101 -10.58 -13.78 -2.63
N VAL A 102 -11.82 -14.10 -2.24
CA VAL A 102 -12.09 -14.65 -0.91
C VAL A 102 -12.01 -16.18 -0.91
N ASP A 103 -12.00 -16.82 -2.09
CA ASP A 103 -11.92 -18.29 -2.22
C ASP A 103 -10.66 -18.76 -1.49
N PRO A 104 -10.76 -19.62 -0.47
CA PRO A 104 -9.57 -20.11 0.22
C PRO A 104 -8.52 -20.73 -0.71
N ALA A 105 -8.96 -21.30 -1.82
CA ALA A 105 -8.06 -21.98 -2.74
C ALA A 105 -7.09 -20.97 -3.38
N THR A 106 -7.50 -19.70 -3.42
CA THR A 106 -6.71 -18.63 -4.03
C THR A 106 -5.59 -18.22 -3.09
N ALA A 107 -5.81 -18.39 -1.77
CA ALA A 107 -4.85 -18.03 -0.73
C ALA A 107 -4.37 -16.59 -0.92
N ALA A 108 -5.31 -15.67 -1.17
CA ALA A 108 -4.99 -14.28 -1.51
C ALA A 108 -4.50 -13.52 -0.29
N PRO A 109 -3.33 -12.83 -0.36
CA PRO A 109 -2.88 -11.97 0.74
C PRO A 109 -3.89 -10.87 1.13
N TYR A 110 -4.71 -10.45 0.16
CA TYR A 110 -5.74 -9.46 0.42
C TYR A 110 -7.16 -10.05 0.48
N ALA A 111 -7.30 -11.32 0.83
CA ALA A 111 -8.59 -11.94 0.97
C ALA A 111 -9.50 -11.07 1.84
N SER A 112 -8.94 -10.54 2.92
CA SER A 112 -9.69 -9.82 3.95
C SER A 112 -10.35 -8.54 3.40
N TYR A 113 -9.91 -8.07 2.23
CA TYR A 113 -10.39 -6.76 1.74
C TYR A 113 -11.93 -6.78 1.62
N LEU A 114 -12.53 -7.88 1.15
CA LEU A 114 -14.01 -7.90 1.02
C LEU A 114 -14.69 -8.05 2.38
N SER A 115 -13.94 -8.52 3.40
CA SER A 115 -14.38 -8.49 4.77
C SER A 115 -14.38 -7.05 5.28
N TYR A 116 -13.41 -6.25 4.86
CA TYR A 116 -13.35 -4.89 5.31
C TYR A 116 -14.57 -4.12 4.78
N LEU A 117 -14.97 -4.46 3.55
CA LEU A 117 -16.14 -3.86 2.87
C LEU A 117 -17.46 -4.41 3.43
N GLN A 118 -17.37 -5.35 4.38
CA GLN A 118 -18.52 -5.87 5.11
C GLN A 118 -19.49 -6.60 4.15
N VAL A 119 -18.95 -7.19 3.07
CA VAL A 119 -19.77 -7.85 2.11
C VAL A 119 -20.32 -9.14 2.74
N GLU A 120 -21.64 -9.32 2.58
CA GLU A 120 -22.32 -10.47 3.14
C GLU A 120 -21.58 -11.75 2.79
N ASN A 121 -21.30 -12.52 3.84
CA ASN A 121 -20.62 -13.84 3.79
C ASN A 121 -19.12 -13.80 3.43
N ALA A 122 -18.52 -12.63 3.16
CA ALA A 122 -17.07 -12.63 2.71
C ALA A 122 -16.19 -13.33 3.76
N GLN A 123 -16.36 -12.96 5.02
CA GLN A 123 -15.56 -13.52 6.12
C GLN A 123 -15.83 -15.02 6.25
N ASP A 124 -17.09 -15.44 6.07
CA ASP A 124 -17.42 -16.83 6.21
C ASP A 124 -16.76 -17.64 5.10
N ILE A 125 -16.61 -17.06 3.92
CA ILE A 125 -16.00 -17.75 2.83
C ILE A 125 -14.50 -17.87 3.11
N ILE A 126 -13.90 -16.77 3.58
CA ILE A 126 -12.48 -16.77 3.91
C ILE A 126 -12.22 -17.88 4.94
N ASP A 127 -13.15 -18.03 5.91
CA ASP A 127 -13.00 -18.99 7.00
C ASP A 127 -13.44 -20.41 6.61
N GLY A 128 -13.83 -20.68 5.36
CA GLY A 128 -14.15 -22.06 4.91
C GLY A 128 -15.54 -22.53 5.33
N LYS A 129 -16.39 -21.60 5.78
CA LYS A 129 -17.72 -21.95 6.32
C LYS A 129 -18.81 -21.89 5.24
N LYS A 130 -18.58 -21.11 4.17
CA LYS A 130 -19.51 -20.99 3.05
C LYS A 130 -18.72 -21.05 1.76
N LYS A 131 -19.39 -21.46 0.68
CA LYS A 131 -18.83 -21.58 -0.63
C LYS A 131 -18.68 -20.18 -1.24
N PRO A 132 -17.64 -19.95 -2.06
CA PRO A 132 -17.48 -18.64 -2.71
C PRO A 132 -18.73 -18.11 -3.45
N ALA A 133 -19.57 -18.99 -4.01
CA ALA A 133 -20.81 -18.53 -4.71
C ALA A 133 -21.82 -17.89 -3.74
N GLU A 134 -21.62 -18.03 -2.44
CA GLU A 134 -22.50 -17.45 -1.44
C GLU A 134 -22.13 -16.00 -1.13
N LEU A 135 -21.10 -15.47 -1.79
CA LEU A 135 -20.73 -14.09 -1.56
C LEU A 135 -21.88 -13.17 -1.97
N GLY A 136 -22.12 -12.14 -1.16
CA GLY A 136 -23.19 -11.19 -1.40
C GLY A 136 -22.91 -10.14 -2.47
N VAL A 137 -22.46 -10.58 -3.64
CA VAL A 137 -22.43 -9.75 -4.82
C VAL A 137 -23.09 -10.49 -5.96
N GLU A 138 -23.65 -9.75 -6.92
CA GLU A 138 -24.44 -10.38 -7.97
C GLU A 138 -24.41 -9.49 -9.22
N ALA A 139 -24.57 -10.15 -10.35
CA ALA A 139 -24.89 -9.55 -11.61
C ALA A 139 -26.40 -9.57 -11.73
N LYS A 140 -27.03 -8.43 -11.45
CA LYS A 140 -28.48 -8.30 -11.59
C LYS A 140 -28.81 -8.47 -13.08
N ASP A 141 -27.91 -7.98 -13.95
CA ASP A 141 -27.90 -8.25 -15.39
C ASP A 141 -26.47 -8.06 -15.88
N ASP A 142 -26.23 -8.18 -17.19
CA ASP A 142 -24.86 -8.24 -17.68
C ASP A 142 -24.08 -6.96 -17.32
N TYR A 143 -24.76 -5.81 -17.16
CA TYR A 143 -24.11 -4.54 -16.94
C TYR A 143 -24.48 -3.92 -15.60
N THR A 144 -24.99 -4.71 -14.65
CA THR A 144 -25.36 -4.16 -13.31
C THR A 144 -24.82 -5.09 -12.22
N PHE A 145 -23.84 -4.57 -11.49
CA PHE A 145 -23.13 -5.26 -10.43
C PHE A 145 -23.58 -4.66 -9.10
N VAL A 146 -24.09 -5.52 -8.20
CA VAL A 146 -24.63 -5.07 -6.93
C VAL A 146 -23.85 -5.74 -5.78
N VAL A 147 -23.47 -4.91 -4.83
CA VAL A 147 -22.71 -5.29 -3.64
C VAL A 147 -23.62 -5.11 -2.42
N HIS A 148 -23.71 -6.18 -1.61
CA HIS A 148 -24.60 -6.21 -0.44
C HIS A 148 -23.74 -6.35 0.84
N ALA A 149 -23.68 -5.27 1.62
CA ALA A 149 -22.91 -5.25 2.85
C ALA A 149 -23.83 -5.47 4.07
N THR A 150 -23.29 -6.07 5.14
CA THR A 150 -24.05 -6.40 6.36
C THR A 150 -24.07 -5.22 7.33
N ASN A 151 -23.15 -4.26 7.15
CA ASN A 151 -23.00 -3.11 8.00
C ASN A 151 -22.89 -1.89 7.12
N PRO A 152 -23.20 -0.67 7.61
CA PRO A 152 -22.99 0.55 6.83
C PRO A 152 -21.50 0.77 6.51
N VAL A 153 -21.21 1.01 5.24
CA VAL A 153 -19.87 1.37 4.82
C VAL A 153 -19.96 2.59 3.91
N PRO A 154 -20.12 3.80 4.47
CA PRO A 154 -20.31 4.99 3.66
C PRO A 154 -19.14 5.35 2.72
N TYR A 155 -17.94 4.80 3.00
CA TYR A 155 -16.68 5.03 2.29
C TYR A 155 -16.47 3.90 1.23
N ALA A 156 -17.52 3.12 0.95
CA ALA A 156 -17.47 1.94 0.08
C ALA A 156 -16.80 2.25 -1.27
N VAL A 157 -17.20 3.36 -1.90
CA VAL A 157 -16.80 3.60 -3.30
C VAL A 157 -15.28 3.71 -3.35
N SER A 158 -14.69 4.42 -2.36
CA SER A 158 -13.23 4.62 -2.33
C SER A 158 -12.49 3.28 -2.19
N LEU A 159 -13.10 2.29 -1.54
CA LEU A 159 -12.47 0.95 -1.40
C LEU A 159 -12.32 0.27 -2.77
N THR A 160 -13.24 0.55 -3.71
CA THR A 160 -13.35 -0.21 -4.93
C THR A 160 -12.23 0.16 -5.91
N THR A 161 -11.42 1.18 -5.59
CA THR A 161 -10.29 1.56 -6.44
C THR A 161 -9.07 0.64 -6.24
N HIS A 162 -9.09 -0.25 -5.25
CA HIS A 162 -7.91 -1.00 -4.83
C HIS A 162 -7.61 -2.11 -5.85
N GLN A 163 -6.33 -2.53 -5.93
CA GLN A 163 -5.91 -3.57 -6.90
C GLN A 163 -6.63 -4.90 -6.65
N SER A 164 -6.93 -5.22 -5.39
CA SER A 164 -7.54 -6.52 -5.08
C SER A 164 -8.95 -6.64 -5.68
N LEU A 165 -9.61 -5.51 -6.02
CA LEU A 165 -10.98 -5.52 -6.52
C LEU A 165 -11.03 -5.19 -8.01
N LEU A 166 -9.89 -5.28 -8.71
CA LEU A 166 -9.86 -5.28 -10.17
C LEU A 166 -10.59 -6.50 -10.73
N PRO A 167 -11.28 -6.36 -11.88
CA PRO A 167 -11.99 -7.47 -12.49
C PRO A 167 -10.91 -8.37 -13.12
N LEU A 168 -11.27 -9.64 -13.34
CA LEU A 168 -10.44 -10.58 -14.08
C LEU A 168 -11.28 -11.16 -15.21
N PRO A 169 -10.65 -11.54 -16.34
CA PRO A 169 -11.37 -12.08 -17.49
C PRO A 169 -11.83 -13.53 -17.23
N GLN A 170 -13.07 -13.68 -16.77
CA GLN A 170 -13.57 -14.96 -16.28
C GLN A 170 -13.32 -16.08 -17.30
N LYS A 171 -13.72 -15.82 -18.55
CA LYS A 171 -13.62 -16.82 -19.63
C LYS A 171 -12.16 -17.31 -19.74
N VAL A 172 -11.18 -16.41 -19.59
CA VAL A 172 -9.78 -16.76 -19.72
C VAL A 172 -9.26 -17.49 -18.47
N VAL A 173 -9.56 -16.97 -17.28
CA VAL A 173 -8.98 -17.53 -16.09
C VAL A 173 -9.58 -18.92 -15.82
N GLU A 174 -10.86 -19.07 -16.12
CA GLU A 174 -11.58 -20.38 -15.92
C GLU A 174 -10.90 -21.46 -16.78
N LYS A 175 -10.47 -21.08 -17.99
CA LYS A 175 -9.84 -21.99 -18.95
C LYS A 175 -8.36 -22.23 -18.59
N LEU A 176 -7.61 -21.18 -18.24
CA LEU A 176 -6.14 -21.30 -18.11
C LEU A 176 -5.67 -21.51 -16.66
N GLY A 177 -6.55 -21.30 -15.68
CA GLY A 177 -6.13 -21.22 -14.28
C GLY A 177 -5.10 -20.12 -14.04
N ASP A 178 -4.27 -20.33 -13.03
CA ASP A 178 -3.25 -19.40 -12.57
C ASP A 178 -2.30 -18.98 -13.69
N ALA A 179 -2.13 -19.82 -14.71
CA ALA A 179 -1.29 -19.55 -15.87
C ALA A 179 -1.83 -18.39 -16.76
N TRP A 180 -3.04 -17.90 -16.50
CA TRP A 180 -3.60 -16.78 -17.27
C TRP A 180 -2.65 -15.57 -17.20
N VAL A 181 -1.84 -15.48 -16.15
CA VAL A 181 -1.03 -14.32 -15.87
C VAL A 181 0.25 -14.26 -16.73
N LYS A 182 0.62 -15.36 -17.38
CA LYS A 182 1.76 -15.33 -18.28
C LYS A 182 1.47 -14.35 -19.42
N LYS A 183 2.54 -13.70 -19.87
CA LYS A 183 2.50 -12.65 -20.89
C LYS A 183 1.74 -13.10 -22.13
N GLU A 184 1.92 -14.35 -22.56
CA GLU A 184 1.28 -14.87 -23.77
C GLU A 184 -0.25 -14.98 -23.55
N ASN A 185 -0.69 -15.11 -22.30
CA ASN A 185 -2.08 -15.40 -21.94
C ASN A 185 -2.83 -14.18 -21.38
N TYR A 186 -2.09 -13.18 -20.85
CA TYR A 186 -2.70 -12.10 -20.07
C TYR A 186 -3.75 -11.35 -20.91
N VAL A 187 -4.91 -11.15 -20.30
CA VAL A 187 -5.96 -10.38 -20.91
C VAL A 187 -6.46 -9.40 -19.83
N GLY A 188 -6.61 -8.12 -20.21
CA GLY A 188 -7.06 -7.07 -19.26
C GLY A 188 -7.95 -6.05 -19.93
N ASN A 189 -8.50 -5.17 -19.10
CA ASN A 189 -9.44 -4.13 -19.52
C ASN A 189 -8.91 -2.73 -19.21
N GLY A 190 -7.63 -2.62 -18.82
CA GLY A 190 -6.92 -1.37 -18.61
C GLY A 190 -6.37 -0.72 -19.89
N ALA A 191 -5.64 0.39 -19.72
CA ALA A 191 -5.20 1.21 -20.81
C ALA A 191 -4.01 0.59 -21.56
N TYR A 192 -3.27 -0.35 -20.95
CA TYR A 192 -2.03 -0.93 -21.48
C TYR A 192 -2.13 -2.46 -21.44
N LYS A 193 -1.22 -3.07 -22.20
CA LYS A 193 -0.99 -4.50 -22.15
C LYS A 193 0.52 -4.77 -22.08
N LEU A 194 0.89 -5.98 -21.67
CA LEU A 194 2.29 -6.38 -21.48
C LEU A 194 2.93 -6.66 -22.85
N ALA A 195 3.97 -5.91 -23.19
CA ALA A 195 4.76 -6.16 -24.40
C ALA A 195 5.94 -7.08 -24.06
N ASN A 196 6.54 -6.92 -22.88
CA ASN A 196 7.69 -7.77 -22.54
C ASN A 196 7.86 -7.73 -21.04
N HIS A 197 8.51 -8.76 -20.51
CA HIS A 197 8.88 -8.83 -19.12
C HIS A 197 10.21 -9.61 -19.04
N ILE A 198 11.26 -8.92 -18.60
CA ILE A 198 12.54 -9.55 -18.25
C ILE A 198 12.73 -9.41 -16.75
N ILE A 199 12.71 -10.56 -16.05
CA ILE A 199 12.84 -10.62 -14.58
C ILE A 199 14.13 -9.89 -14.15
N ASN A 200 13.94 -8.98 -13.20
CA ASN A 200 14.95 -8.15 -12.58
C ASN A 200 15.47 -7.06 -13.50
N GLU A 201 14.89 -6.87 -14.68
CA GLU A 201 15.37 -5.84 -15.59
C GLU A 201 14.26 -4.83 -15.93
N LYS A 202 13.20 -5.30 -16.59
CA LYS A 202 12.20 -4.37 -17.07
C LYS A 202 10.87 -5.07 -17.40
N ILE A 203 9.81 -4.27 -17.32
CA ILE A 203 8.50 -4.57 -17.85
C ILE A 203 8.17 -3.51 -18.90
N GLU A 204 7.78 -3.96 -20.09
CA GLU A 204 7.41 -3.08 -21.19
C GLU A 204 5.90 -3.14 -21.38
N PHE A 205 5.29 -1.96 -21.46
CA PHE A 205 3.89 -1.82 -21.71
C PHE A 205 3.68 -1.22 -23.09
N GLU A 206 2.57 -1.65 -23.70
CA GLU A 206 2.11 -1.04 -24.95
C GLU A 206 0.63 -0.69 -24.78
N ARG A 207 0.15 0.24 -25.60
CA ARG A 207 -1.26 0.63 -25.60
C ARG A 207 -2.15 -0.60 -25.80
N ASN A 208 -3.24 -0.68 -25.03
CA ASN A 208 -4.36 -1.59 -25.24
C ASN A 208 -5.39 -0.86 -26.12
N PRO A 209 -5.41 -1.07 -27.46
CA PRO A 209 -6.33 -0.34 -28.32
C PRO A 209 -7.79 -0.65 -28.04
N LEU A 210 -8.08 -1.72 -27.30
CA LEU A 210 -9.44 -2.11 -26.99
C LEU A 210 -9.89 -1.55 -25.62
N TYR A 211 -9.06 -0.79 -24.90
CA TYR A 211 -9.46 -0.06 -23.71
C TYR A 211 -10.63 0.90 -24.05
N TRP A 212 -11.65 0.96 -23.20
CA TRP A 212 -12.88 1.74 -23.49
C TRP A 212 -12.53 3.22 -23.74
N ASN A 213 -11.49 3.71 -23.08
CA ASN A 213 -11.13 5.12 -23.16
C ASN A 213 -9.79 5.30 -23.90
N ASP A 214 -9.46 4.38 -24.83
CA ASP A 214 -8.18 4.47 -25.57
C ASP A 214 -8.04 5.81 -26.30
N LYS A 215 -9.16 6.39 -26.74
CA LYS A 215 -9.07 7.62 -27.47
C LYS A 215 -8.55 8.77 -26.60
N GLU A 216 -8.55 8.67 -25.27
CA GLU A 216 -8.03 9.76 -24.44
CA GLU A 216 -8.06 9.73 -24.36
C GLU A 216 -6.65 9.40 -23.85
N THR A 217 -6.15 8.18 -24.09
CA THR A 217 -4.83 7.76 -23.67
C THR A 217 -3.75 8.39 -24.60
N VAL A 218 -2.68 8.90 -24.00
CA VAL A 218 -1.68 9.65 -24.74
C VAL A 218 -0.37 8.85 -24.83
N ILE A 219 0.11 8.33 -23.69
CA ILE A 219 1.35 7.51 -23.66
C ILE A 219 1.14 6.26 -24.51
N ASN A 220 2.05 6.03 -25.46
CA ASN A 220 1.98 4.89 -26.38
C ASN A 220 2.67 3.66 -25.76
N SER A 221 3.78 3.86 -25.07
CA SER A 221 4.57 2.78 -24.51
C SER A 221 5.32 3.27 -23.27
N ALA A 222 5.64 2.35 -22.35
CA ALA A 222 6.34 2.67 -21.17
C ALA A 222 7.21 1.50 -20.78
N THR A 223 8.28 1.83 -20.07
CA THR A 223 9.12 0.85 -19.43
C THR A 223 9.10 1.08 -17.91
N PHE A 224 8.87 0.00 -17.17
CA PHE A 224 9.10 0.02 -15.73
C PHE A 224 10.42 -0.71 -15.44
N LEU A 225 11.34 -0.01 -14.76
CA LEU A 225 12.60 -0.57 -14.23
C LEU A 225 12.41 -1.10 -12.79
N ALA A 226 13.42 -1.84 -12.31
CA ALA A 226 13.36 -2.48 -11.04
C ALA A 226 14.66 -2.17 -10.25
N ILE A 227 14.87 -0.88 -9.98
CA ILE A 227 16.08 -0.40 -9.40
C ILE A 227 15.82 -0.19 -7.90
N GLU A 228 16.51 -0.96 -7.07
CA GLU A 228 16.19 -1.10 -5.64
C GLU A 228 16.69 0.09 -4.82
N ASN A 229 17.82 0.68 -5.26
CA ASN A 229 18.53 1.69 -4.50
C ASN A 229 18.28 3.08 -5.06
N PRO A 230 17.76 4.00 -4.22
CA PRO A 230 17.47 5.36 -4.64
C PRO A 230 18.63 6.06 -5.37
N SER A 231 19.87 5.84 -4.91
CA SER A 231 21.03 6.49 -5.54
C SER A 231 21.20 6.01 -6.97
N THR A 232 20.95 4.72 -7.22
CA THR A 232 21.02 4.19 -8.58
C THR A 232 19.88 4.79 -9.43
N ASP A 233 18.71 4.99 -8.83
CA ASP A 233 17.54 5.57 -9.48
C ASP A 233 17.88 6.99 -9.93
N VAL A 234 18.46 7.78 -9.01
CA VAL A 234 18.84 9.13 -9.32
C VAL A 234 19.92 9.17 -10.41
N ALA A 235 20.90 8.26 -10.32
CA ALA A 235 21.99 8.23 -11.31
C ALA A 235 21.46 7.99 -12.73
N ARG A 236 20.53 7.04 -12.88
CA ARG A 236 19.88 6.75 -14.16
C ARG A 236 19.05 7.95 -14.63
N TYR A 237 18.35 8.63 -13.72
CA TYR A 237 17.59 9.80 -14.08
C TYR A 237 18.53 10.87 -14.69
N ARG A 238 19.66 11.12 -14.02
CA ARG A 238 20.59 12.20 -14.38
C ARG A 238 21.39 11.86 -15.63
N ALA A 239 21.54 10.56 -15.94
CA ALA A 239 22.11 10.13 -17.19
C ALA A 239 21.09 10.25 -18.34
N GLY A 240 19.84 10.62 -18.02
CA GLY A 240 18.73 10.76 -18.97
C GLY A 240 18.14 9.42 -19.42
N ASP A 241 18.27 8.38 -18.60
CA ASP A 241 17.91 7.01 -18.99
C ASP A 241 16.62 6.57 -18.30
N LEU A 242 16.04 7.40 -17.45
CA LEU A 242 14.66 7.20 -16.98
C LEU A 242 14.08 8.57 -16.67
N ASP A 243 12.74 8.64 -16.64
CA ASP A 243 12.00 9.91 -16.66
C ASP A 243 11.35 10.23 -15.31
N MET A 244 11.14 9.21 -14.46
CA MET A 244 10.46 9.36 -13.18
C MET A 244 11.07 8.34 -12.22
N THR A 245 11.64 8.82 -11.11
CA THR A 245 12.16 7.93 -10.08
C THR A 245 10.99 7.26 -9.37
N SER A 246 11.34 6.25 -8.57
CA SER A 246 10.45 5.73 -7.55
C SER A 246 10.41 6.75 -6.41
N TYR A 247 9.71 6.41 -5.32
CA TYR A 247 9.38 7.43 -4.31
C TYR A 247 10.38 7.43 -3.13
N GLY A 248 11.65 7.25 -3.42
CA GLY A 248 12.76 7.45 -2.47
C GLY A 248 13.90 8.17 -3.15
N LEU A 249 14.49 9.15 -2.45
CA LEU A 249 15.68 9.83 -2.93
C LEU A 249 16.72 9.79 -1.81
N PRO A 250 18.02 9.77 -2.16
CA PRO A 250 19.11 9.71 -1.19
C PRO A 250 19.10 10.94 -0.31
N PRO A 251 18.98 10.79 1.04
CA PRO A 251 18.90 11.93 1.93
C PRO A 251 20.06 12.93 1.72
N GLU A 252 21.25 12.42 1.42
CA GLU A 252 22.43 13.27 1.46
C GLU A 252 22.51 14.10 0.15
N GLN A 253 21.75 13.70 -0.86
CA GLN A 253 21.72 14.39 -2.14
C GLN A 253 20.53 15.33 -2.29
N PHE A 254 19.53 15.17 -1.42
CA PHE A 254 18.24 15.80 -1.57
C PHE A 254 18.38 17.32 -1.75
N ALA A 255 19.14 17.98 -0.86
CA ALA A 255 19.27 19.47 -0.86
C ALA A 255 19.83 19.92 -2.21
N LYS A 256 20.91 19.28 -2.67
CA LYS A 256 21.54 19.71 -3.88
C LYS A 256 20.68 19.38 -5.10
N LEU A 257 19.91 18.28 -5.04
CA LEU A 257 18.98 17.98 -6.15
C LEU A 257 17.93 19.09 -6.30
N LYS A 258 17.40 19.60 -5.20
CA LYS A 258 16.43 20.70 -5.29
C LYS A 258 17.06 21.94 -5.93
N LYS A 259 18.33 22.20 -5.66
CA LYS A 259 19.02 23.40 -6.15
C LYS A 259 19.27 23.29 -7.66
N GLU A 260 19.69 22.10 -8.12
CA GLU A 260 20.13 21.89 -9.50
C GLU A 260 19.00 21.47 -10.45
N LEU A 261 17.96 20.82 -9.96
CA LEU A 261 16.90 20.31 -10.84
C LEU A 261 15.60 21.10 -10.59
N LEU A 262 15.56 22.34 -11.09
CA LEU A 262 14.46 23.28 -10.73
C LEU A 262 13.13 22.75 -11.23
N GLY A 263 12.20 22.51 -10.29
CA GLY A 263 10.85 22.06 -10.59
C GLY A 263 10.76 20.58 -11.00
N GLU A 264 11.86 19.84 -10.84
CA GLU A 264 11.86 18.40 -11.09
C GLU A 264 11.70 17.60 -9.79
N VAL A 265 11.89 18.24 -8.63
CA VAL A 265 11.79 17.51 -7.35
C VAL A 265 10.36 17.65 -6.84
N TYR A 266 9.64 16.53 -6.73
CA TYR A 266 8.31 16.52 -6.19
C TYR A 266 8.32 15.83 -4.83
N VAL A 267 7.53 16.35 -3.92
CA VAL A 267 7.37 15.72 -2.63
C VAL A 267 5.87 15.69 -2.36
N THR A 268 5.31 14.48 -2.40
CA THR A 268 3.91 14.29 -2.12
C THR A 268 3.75 13.92 -0.64
N ARG A 269 2.86 14.61 0.07
CA ARG A 269 2.46 14.20 1.42
C ARG A 269 1.46 13.06 1.28
N THR A 270 1.83 11.85 1.76
CA THR A 270 1.00 10.67 1.48
C THR A 270 0.42 10.11 2.77
N LEU A 271 -0.64 9.30 2.60
CA LEU A 271 -1.26 8.59 3.72
C LEU A 271 -0.54 7.28 3.90
N GLY A 272 0.59 7.36 4.60
CA GLY A 272 1.46 6.24 4.83
C GLY A 272 2.12 6.30 6.19
N THR A 273 2.42 5.11 6.71
CA THR A 273 3.17 4.96 7.95
C THR A 273 4.30 3.94 7.77
N TYR A 274 5.49 4.36 8.18
CA TYR A 274 6.70 3.55 8.22
C TYR A 274 6.89 3.09 9.67
N SER A 275 7.02 1.79 9.84
CA SER A 275 7.08 1.13 11.15
C SER A 275 8.16 0.07 11.14
N TYR A 276 8.55 -0.36 12.35
CA TYR A 276 9.13 -1.66 12.57
C TYR A 276 8.04 -2.55 13.18
N GLU A 277 7.68 -3.60 12.43
CA GLU A 277 6.70 -4.56 12.88
C GLU A 277 7.41 -5.56 13.80
N LEU A 278 6.84 -5.82 14.97
CA LEU A 278 7.36 -6.83 15.90
C LEU A 278 6.54 -8.10 15.70
N ASN A 279 7.20 -9.25 15.65
CA ASN A 279 6.52 -10.53 15.55
C ASN A 279 5.94 -10.88 16.92
N ASN A 280 4.63 -10.63 17.10
CA ASN A 280 3.99 -10.72 18.41
C ASN A 280 3.88 -12.17 18.89
N LYS A 281 4.10 -13.16 18.01
CA LYS A 281 4.01 -14.56 18.43
C LYS A 281 5.41 -15.23 18.52
N LYS A 282 6.48 -14.49 18.30
CA LYS A 282 7.86 -15.04 18.34
C LYS A 282 8.56 -14.48 19.58
N ALA A 283 9.12 -15.38 20.40
CA ALA A 283 9.90 -14.97 21.55
C ALA A 283 11.13 -14.21 21.06
N PRO A 284 11.50 -13.12 21.74
CA PRO A 284 10.86 -12.65 22.95
C PRO A 284 9.84 -11.51 22.75
N PHE A 285 9.41 -11.27 21.51
CA PHE A 285 8.55 -10.14 21.22
C PHE A 285 7.09 -10.43 21.57
N ASP A 286 6.80 -11.64 22.05
CA ASP A 286 5.53 -11.95 22.68
C ASP A 286 5.43 -11.28 24.07
N ASN A 287 6.53 -10.71 24.57
CA ASN A 287 6.56 -10.05 25.87
C ASN A 287 6.28 -8.55 25.72
N VAL A 288 5.15 -8.09 26.27
CA VAL A 288 4.74 -6.68 26.11
C VAL A 288 5.84 -5.74 26.64
N ASN A 289 6.56 -6.21 27.67
CA ASN A 289 7.55 -5.38 28.37
C ASN A 289 8.70 -5.04 27.41
N ILE A 290 9.09 -6.01 26.60
CA ILE A 290 10.16 -5.81 25.62
C ILE A 290 9.66 -4.93 24.46
N ARG A 291 8.42 -5.19 23.98
CA ARG A 291 7.85 -4.36 22.91
C ARG A 291 7.81 -2.89 23.39
N LYS A 292 7.47 -2.70 24.66
CA LYS A 292 7.41 -1.38 25.23
C LYS A 292 8.82 -0.77 25.29
N ALA A 293 9.80 -1.53 25.76
CA ALA A 293 11.19 -1.05 25.86
C ALA A 293 11.67 -0.52 24.50
N LEU A 294 11.39 -1.27 23.41
CA LEU A 294 11.87 -0.91 22.05
C LEU A 294 11.22 0.41 21.61
N ASN A 295 9.95 0.58 21.94
CA ASN A 295 9.24 1.82 21.59
C ASN A 295 9.81 3.03 22.35
N LEU A 296 10.06 2.88 23.66
CA LEU A 296 10.50 3.99 24.49
C LEU A 296 11.85 4.49 24.01
N SER A 297 12.75 3.57 23.61
CA SER A 297 14.17 3.85 23.41
C SER A 297 14.47 4.19 21.92
N LEU A 298 13.45 4.20 21.05
CA LEU A 298 13.68 4.62 19.65
C LEU A 298 13.24 6.09 19.52
N ASP A 299 14.21 6.94 19.19
CA ASP A 299 13.99 8.36 19.01
C ASP A 299 13.62 8.60 17.53
N ARG A 300 12.34 8.88 17.28
CA ARG A 300 11.79 9.07 15.93
C ARG A 300 12.40 10.31 15.25
N ASN A 301 12.65 11.38 16.02
CA ASN A 301 13.15 12.65 15.47
C ASN A 301 14.54 12.46 14.85
N VAL A 302 15.36 11.54 15.36
CA VAL A 302 16.67 11.24 14.77
C VAL A 302 16.49 10.75 13.33
N ILE A 303 15.56 9.81 13.11
CA ILE A 303 15.30 9.27 11.79
C ILE A 303 14.70 10.34 10.88
N THR A 304 13.69 11.06 11.34
CA THR A 304 12.99 11.97 10.45
C THR A 304 13.85 13.21 10.15
N ASP A 305 14.57 13.71 11.18
CA ASP A 305 15.27 14.99 11.05
C ASP A 305 16.71 14.74 10.60
N LYS A 306 17.38 13.70 11.11
CA LYS A 306 18.80 13.55 10.85
C LYS A 306 19.10 12.54 9.74
N VAL A 307 18.39 11.43 9.66
CA VAL A 307 18.74 10.37 8.71
C VAL A 307 18.10 10.71 7.34
N LEU A 308 16.82 11.12 7.37
CA LEU A 308 16.08 11.36 6.12
C LEU A 308 15.97 12.88 5.84
N GLY A 309 15.19 13.61 6.65
CA GLY A 309 15.07 15.06 6.58
C GLY A 309 14.42 15.59 5.30
N GLN A 310 13.47 14.84 4.73
CA GLN A 310 12.83 15.21 3.46
C GLN A 310 11.39 15.67 3.70
N GLY A 311 10.97 15.69 4.97
CA GLY A 311 9.60 16.09 5.32
C GLY A 311 8.80 14.99 5.99
N GLN A 312 9.38 13.79 6.13
CA GLN A 312 8.78 12.74 6.97
C GLN A 312 8.57 13.31 8.39
N THR A 313 7.43 12.96 8.99
CA THR A 313 7.00 13.46 10.30
C THR A 313 6.93 12.31 11.30
N PRO A 314 7.52 12.47 12.51
CA PRO A 314 7.49 11.39 13.50
C PRO A 314 6.04 11.05 13.88
N THR A 315 5.82 9.78 14.18
CA THR A 315 4.55 9.34 14.70
C THR A 315 4.81 8.17 15.64
N TYR A 316 3.83 7.91 16.50
CA TYR A 316 3.90 6.84 17.52
C TYR A 316 2.63 5.98 17.48
N VAL A 317 1.78 6.20 16.47
CA VAL A 317 0.58 5.43 16.21
C VAL A 317 0.61 4.95 14.75
N PHE A 318 -0.21 3.95 14.46
CA PHE A 318 -0.21 3.32 13.14
C PHE A 318 -0.91 4.23 12.12
N THR A 319 -2.14 4.62 12.46
CA THR A 319 -2.98 5.43 11.58
C THR A 319 -2.42 6.84 11.45
N PRO A 320 -2.26 7.41 10.23
CA PRO A 320 -1.93 8.83 10.09
C PRO A 320 -3.14 9.64 10.61
N THR A 321 -2.89 10.53 11.57
CA THR A 321 -4.00 11.25 12.24
C THR A 321 -4.66 12.29 11.32
N TYR A 322 -4.04 12.58 10.16
CA TYR A 322 -4.60 13.52 9.17
C TYR A 322 -5.49 12.80 8.15
N ILE A 323 -5.64 11.47 8.23
CA ILE A 323 -6.54 10.73 7.35
C ILE A 323 -7.97 11.09 7.75
N GLU A 324 -8.90 10.96 6.81
CA GLU A 324 -10.28 11.23 7.11
C GLU A 324 -10.79 10.26 8.19
N GLU A 325 -11.40 10.86 9.23
CA GLU A 325 -11.98 10.21 10.42
C GLU A 325 -10.87 9.73 11.36
N GLY A 326 -9.66 10.26 11.18
CA GLY A 326 -8.52 9.86 12.03
C GLY A 326 -8.22 10.90 13.10
N HIS A 327 -9.01 11.97 13.12
CA HIS A 327 -8.58 13.18 13.83
C HIS A 327 -8.63 13.00 15.36
N LEU A 328 -9.37 12.02 15.89
CA LEU A 328 -9.45 11.89 17.37
C LEU A 328 -8.37 10.93 17.91
N ILE A 329 -7.58 10.33 17.01
CA ILE A 329 -6.48 9.49 17.44
C ILE A 329 -5.42 10.35 18.12
N GLN A 330 -4.95 9.88 19.28
CA GLN A 330 -4.00 10.63 20.14
C GLN A 330 -2.63 9.98 20.09
N GLN A 331 -1.57 10.80 20.03
CA GLN A 331 -0.21 10.28 20.20
C GLN A 331 -0.06 9.85 21.65
N PRO A 332 0.62 8.71 21.95
CA PRO A 332 0.73 8.23 23.33
C PRO A 332 1.56 9.19 24.21
N ALA A 333 1.28 9.14 25.51
CA ALA A 333 1.87 10.00 26.57
C ALA A 333 3.41 9.94 26.57
N TYR A 334 3.99 8.75 26.43
CA TYR A 334 5.45 8.57 26.46
C TYR A 334 6.12 9.42 25.36
N SER A 335 5.42 9.65 24.24
CA SER A 335 5.99 10.41 23.15
C SER A 335 6.30 11.84 23.62
N LYS A 336 5.64 12.32 24.69
CA LYS A 336 5.93 13.68 25.22
C LYS A 336 6.99 13.68 26.33
N GLU A 337 7.41 12.51 26.83
CA GLU A 337 8.49 12.42 27.86
C GLU A 337 9.86 12.72 27.26
N PRO A 338 10.81 13.34 28.00
CA PRO A 338 12.18 13.49 27.51
C PRO A 338 12.78 12.10 27.22
N MET A 339 13.70 12.02 26.27
CA MET A 339 14.34 10.75 25.91
C MET A 339 15.04 10.13 27.14
N ALA A 340 15.55 10.98 28.05
CA ALA A 340 16.31 10.49 29.23
C ALA A 340 15.42 9.64 30.14
N GLN A 341 14.18 10.10 30.37
CA GLN A 341 13.17 9.37 31.11
C GLN A 341 12.80 8.08 30.36
N ARG A 342 12.55 8.18 29.05
CA ARG A 342 12.14 7.03 28.23
C ARG A 342 13.21 5.95 28.32
N ASN A 343 14.47 6.36 28.18
CA ASN A 343 15.57 5.44 28.08
C ASN A 343 15.82 4.72 29.42
N GLU A 344 15.65 5.48 30.51
CA GLU A 344 15.74 4.93 31.88
C GLU A 344 14.67 3.84 32.09
N GLU A 345 13.43 4.11 31.63
CA GLU A 345 12.31 3.18 31.72
CA GLU A 345 12.33 3.14 31.78
C GLU A 345 12.62 1.93 30.88
N ALA A 346 13.16 2.14 29.66
CA ALA A 346 13.48 1.02 28.74
C ALA A 346 14.53 0.11 29.36
N ILE A 347 15.59 0.70 29.89
CA ILE A 347 16.65 -0.09 30.52
C ILE A 347 16.08 -0.95 31.65
N LYS A 348 15.25 -0.35 32.51
CA LYS A 348 14.66 -1.14 33.62
C LYS A 348 13.91 -2.36 33.05
N LEU A 349 13.05 -2.14 32.02
CA LEU A 349 12.24 -3.21 31.46
C LEU A 349 13.14 -4.30 30.90
N LEU A 350 14.26 -3.93 30.29
CA LEU A 350 15.13 -4.98 29.68
C LEU A 350 15.89 -5.78 30.76
N GLU A 351 16.26 -5.10 31.85
CA GLU A 351 16.96 -5.76 32.92
C GLU A 351 15.98 -6.72 33.61
N GLU A 352 14.74 -6.28 33.75
CA GLU A 352 13.71 -7.13 34.38
C GLU A 352 13.50 -8.38 33.51
N ALA A 353 13.72 -8.23 32.19
CA ALA A 353 13.61 -9.30 31.21
C ALA A 353 14.92 -10.08 31.07
N GLY A 354 15.93 -9.72 31.86
CA GLY A 354 17.12 -10.52 32.00
C GLY A 354 18.22 -10.20 31.00
N TYR A 355 18.21 -8.98 30.44
CA TYR A 355 19.28 -8.60 29.51
C TYR A 355 20.28 -7.72 30.26
N SER A 356 21.51 -7.70 29.75
CA SER A 356 22.62 -6.94 30.27
C SER A 356 23.57 -6.61 29.12
N LYS A 357 24.62 -5.84 29.39
CA LYS A 357 25.65 -5.55 28.39
C LYS A 357 26.26 -6.87 27.90
N ALA A 358 26.52 -7.79 28.83
CA ALA A 358 27.13 -9.08 28.54
C ALA A 358 26.14 -10.03 27.83
N ASN A 359 24.83 -9.90 28.09
CA ASN A 359 23.86 -10.81 27.51
C ASN A 359 22.75 -9.95 26.90
N PRO A 360 23.03 -9.20 25.82
CA PRO A 360 22.06 -8.23 25.34
C PRO A 360 20.88 -8.94 24.65
N LEU A 361 19.81 -8.19 24.47
CA LEU A 361 18.73 -8.60 23.56
C LEU A 361 19.25 -8.55 22.12
N LYS A 362 19.32 -9.71 21.45
CA LYS A 362 19.81 -9.82 20.08
C LYS A 362 18.66 -10.18 19.12
N PHE A 363 18.59 -9.46 18.01
CA PHE A 363 17.64 -9.75 16.96
C PHE A 363 18.11 -9.06 15.68
N SER A 364 17.46 -9.41 14.57
CA SER A 364 17.75 -8.90 13.24
C SER A 364 16.58 -8.05 12.76
N ILE A 365 16.90 -6.93 12.09
CA ILE A 365 15.91 -6.16 11.37
C ILE A 365 15.92 -6.65 9.93
N LEU A 366 14.80 -7.24 9.52
CA LEU A 366 14.55 -7.66 8.16
C LEU A 366 14.02 -6.46 7.38
N TYR A 367 14.62 -6.22 6.22
CA TYR A 367 14.18 -5.12 5.34
C TYR A 367 14.46 -5.52 3.89
N ASN A 368 13.72 -4.87 2.98
CA ASN A 368 13.88 -5.11 1.58
C ASN A 368 15.08 -4.28 1.12
N THR A 369 15.94 -4.90 0.30
CA THR A 369 17.16 -4.28 -0.23
C THR A 369 16.82 -2.88 -0.77
N ASN A 370 17.45 -1.88 -0.19
CA ASN A 370 17.16 -0.48 -0.43
C ASN A 370 18.08 0.27 0.53
N GLU A 371 18.99 1.09 -0.01
CA GLU A 371 20.01 1.79 0.78
C GLU A 371 19.36 2.72 1.81
N ASN A 372 18.21 3.32 1.47
CA ASN A 372 17.53 4.21 2.41
C ASN A 372 17.01 3.42 3.63
N HIS A 373 16.45 2.22 3.39
CA HIS A 373 16.04 1.36 4.49
C HIS A 373 17.25 0.92 5.36
N LYS A 374 18.38 0.68 4.70
CA LYS A 374 19.58 0.29 5.39
C LYS A 374 20.02 1.41 6.32
N LYS A 375 19.96 2.66 5.83
CA LYS A 375 20.39 3.78 6.62
C LYS A 375 19.49 3.89 7.86
N VAL A 376 18.19 3.76 7.67
CA VAL A 376 17.24 3.88 8.80
C VAL A 376 17.48 2.75 9.82
N ALA A 377 17.75 1.54 9.33
CA ALA A 377 17.99 0.36 10.20
C ALA A 377 19.31 0.51 10.96
N ILE A 378 20.36 1.00 10.29
CA ILE A 378 21.64 1.32 10.95
C ILE A 378 21.40 2.32 12.09
N ALA A 379 20.67 3.39 11.80
CA ALA A 379 20.38 4.37 12.82
C ALA A 379 19.55 3.77 13.98
N ALA A 380 18.58 2.90 13.66
CA ALA A 380 17.74 2.28 14.68
C ALA A 380 18.59 1.38 15.58
N ALA A 381 19.41 0.52 14.95
CA ALA A 381 20.31 -0.38 15.62
C ALA A 381 21.22 0.40 16.56
N SER A 382 21.71 1.55 16.08
CA SER A 382 22.66 2.40 16.82
C SER A 382 21.98 3.06 18.02
N MET A 383 20.75 3.54 17.83
CA MET A 383 20.01 4.18 18.90
C MET A 383 19.62 3.17 19.97
N TRP A 384 19.20 1.96 19.56
CA TRP A 384 18.73 0.94 20.49
C TRP A 384 19.90 0.48 21.37
N LYS A 385 21.10 0.34 20.78
CA LYS A 385 22.27 -0.02 21.57
C LYS A 385 22.67 1.10 22.54
N ALA A 386 22.81 2.34 22.05
CA ALA A 386 23.36 3.41 22.86
C ALA A 386 22.34 3.83 23.91
N ASN A 387 21.06 3.92 23.53
CA ASN A 387 20.03 4.48 24.40
C ASN A 387 19.78 3.50 25.58
N THR A 388 20.11 2.22 25.41
CA THR A 388 19.89 1.20 26.47
C THR A 388 21.23 0.80 27.12
N LYS A 389 22.29 1.58 26.89
CA LYS A 389 23.63 1.31 27.41
C LYS A 389 24.07 -0.13 27.15
N GLY A 390 23.89 -0.60 25.91
CA GLY A 390 24.43 -1.87 25.50
C GLY A 390 23.51 -3.08 25.69
N LEU A 391 22.25 -2.88 26.07
CA LEU A 391 21.36 -4.04 26.40
C LEU A 391 20.59 -4.57 25.17
N ILE A 392 20.73 -3.90 24.02
CA ILE A 392 20.23 -4.40 22.74
C ILE A 392 21.37 -4.41 21.71
N ASP A 393 21.46 -5.50 20.94
CA ASP A 393 22.46 -5.71 19.88
C ASP A 393 21.76 -6.23 18.62
N VAL A 394 21.67 -5.37 17.61
CA VAL A 394 20.77 -5.53 16.44
C VAL A 394 21.62 -5.80 15.20
N LYS A 395 21.29 -6.89 14.48
CA LYS A 395 21.90 -7.20 13.19
C LYS A 395 20.92 -6.76 12.09
N LEU A 396 21.43 -6.49 10.89
CA LEU A 396 20.63 -6.13 9.73
C LEU A 396 20.48 -7.35 8.82
N GLU A 397 19.29 -7.55 8.25
CA GLU A 397 19.16 -8.59 7.24
C GLU A 397 18.33 -8.07 6.06
N ASN A 398 18.97 -7.93 4.89
CA ASN A 398 18.28 -7.45 3.68
C ASN A 398 17.89 -8.67 2.84
N GLN A 399 16.68 -8.62 2.28
CA GLN A 399 16.22 -9.59 1.30
C GLN A 399 15.60 -8.84 0.12
N GLU A 400 15.71 -9.45 -1.07
CA GLU A 400 15.00 -9.00 -2.24
C GLU A 400 13.51 -8.90 -1.91
N TRP A 401 12.80 -7.94 -2.52
CA TRP A 401 11.39 -7.61 -2.21
C TRP A 401 10.49 -8.85 -2.05
N LYS A 402 10.52 -9.73 -3.06
CA LYS A 402 9.66 -10.93 -3.15
C LYS A 402 9.90 -11.82 -1.94
N THR A 403 11.18 -12.04 -1.66
CA THR A 403 11.64 -12.85 -0.55
C THR A 403 11.26 -12.21 0.81
N TYR A 404 11.46 -10.90 0.92
CA TYR A 404 11.11 -10.13 2.12
C TYR A 404 9.62 -10.25 2.43
N ILE A 405 8.74 -10.04 1.43
CA ILE A 405 7.29 -10.18 1.62
C ILE A 405 6.96 -11.61 2.09
N ASP A 406 7.53 -12.60 1.41
CA ASP A 406 7.37 -14.03 1.82
C ASP A 406 7.76 -14.25 3.28
N SER A 407 8.92 -13.68 3.69
CA SER A 407 9.44 -13.89 5.04
C SER A 407 8.49 -13.28 6.07
N ARG A 408 8.01 -12.07 5.78
CA ARG A 408 7.05 -11.42 6.67
C ARG A 408 5.78 -12.27 6.80
N ARG A 409 5.25 -12.74 5.66
CA ARG A 409 3.97 -13.48 5.67
C ARG A 409 4.15 -14.82 6.39
N ALA A 410 5.33 -15.44 6.26
CA ALA A 410 5.63 -16.73 6.88
C ALA A 410 6.01 -16.56 8.35
N GLY A 411 6.15 -15.35 8.86
CA GLY A 411 6.51 -15.18 10.28
C GLY A 411 7.99 -15.47 10.58
N ARG A 412 8.82 -15.53 9.51
CA ARG A 412 10.22 -15.84 9.61
C ARG A 412 10.99 -14.53 9.76
N TYR A 413 10.76 -13.88 10.89
CA TYR A 413 11.36 -12.60 11.23
C TYR A 413 11.13 -12.31 12.73
N ASP A 414 12.01 -11.47 13.28
CA ASP A 414 11.90 -10.88 14.62
C ASP A 414 11.23 -9.52 14.53
N VAL A 415 11.94 -8.60 13.85
CA VAL A 415 11.52 -7.23 13.63
C VAL A 415 11.67 -6.97 12.14
N ALA A 416 10.64 -6.42 11.50
CA ALA A 416 10.70 -6.13 10.06
C ALA A 416 10.32 -4.67 9.80
N ARG A 417 11.11 -4.06 8.92
CA ARG A 417 10.73 -2.84 8.34
C ARG A 417 9.39 -3.05 7.63
N ALA A 418 8.48 -2.08 7.80
CA ALA A 418 7.15 -2.19 7.22
C ALA A 418 6.61 -0.79 6.89
N GLY A 419 6.11 -0.63 5.67
CA GLY A 419 5.42 0.55 5.28
C GLY A 419 4.02 0.20 4.85
N TRP A 420 3.03 0.94 5.33
CA TRP A 420 1.65 0.72 4.92
C TRP A 420 1.13 2.02 4.30
N HIS A 421 0.70 1.93 3.05
CA HIS A 421 0.08 3.05 2.32
C HIS A 421 -1.43 2.77 2.26
N ALA A 422 -2.20 3.83 2.44
CA ALA A 422 -3.64 3.74 2.39
C ALA A 422 -4.12 3.10 1.09
N ASP A 423 -5.09 2.17 1.23
CA ASP A 423 -5.81 1.60 0.11
C ASP A 423 -6.99 2.51 -0.30
N TYR A 424 -7.46 3.33 0.61
CA TYR A 424 -8.57 4.28 0.43
C TYR A 424 -8.45 5.35 1.51
N ASN A 425 -9.00 6.55 1.27
CA ASN A 425 -8.65 7.70 2.10
C ASN A 425 -9.61 7.83 3.29
N GLN A 426 -9.62 6.80 4.14
CA GLN A 426 -10.45 6.77 5.35
C GLN A 426 -9.78 5.85 6.38
N ALA A 427 -9.93 6.19 7.68
CA ALA A 427 -9.08 5.62 8.77
C ALA A 427 -9.05 4.08 8.75
N THR A 428 -10.14 3.40 8.36
CA THR A 428 -10.18 1.94 8.51
C THR A 428 -9.15 1.25 7.61
N THR A 429 -8.58 1.94 6.63
CA THR A 429 -7.57 1.29 5.78
C THR A 429 -6.35 0.95 6.67
N PHE A 430 -6.15 1.74 7.73
CA PHE A 430 -5.13 1.42 8.75
C PHE A 430 -5.72 0.54 9.87
N GLY A 431 -6.86 0.93 10.43
CA GLY A 431 -7.41 0.18 11.59
C GLY A 431 -7.68 -1.28 11.29
N ASN A 432 -8.13 -1.57 10.06
CA ASN A 432 -8.52 -2.92 9.70
C ASN A 432 -7.31 -3.85 9.70
N TYR A 433 -6.10 -3.30 9.47
CA TYR A 433 -4.87 -4.04 9.34
C TYR A 433 -4.62 -4.90 10.59
N PHE A 434 -4.97 -4.38 11.78
CA PHE A 434 -4.64 -5.05 13.01
C PHE A 434 -5.79 -5.86 13.61
N LEU A 435 -6.88 -6.06 12.86
CA LEU A 435 -7.89 -7.04 13.31
C LEU A 435 -7.22 -8.40 13.42
N SER A 436 -7.69 -9.21 14.37
CA SER A 436 -7.04 -10.49 14.70
C SER A 436 -7.02 -11.38 13.49
N ASN A 437 -8.10 -11.29 12.70
CA ASN A 437 -8.33 -12.21 11.60
C ASN A 437 -7.93 -11.58 10.25
N SER A 438 -7.29 -10.41 10.25
CA SER A 438 -6.90 -9.74 8.96
C SER A 438 -5.78 -10.51 8.24
N SER A 439 -6.00 -10.82 6.95
CA SER A 439 -4.99 -11.44 6.10
C SER A 439 -3.77 -10.52 5.91
N ASN A 440 -3.88 -9.22 6.24
CA ASN A 440 -2.76 -8.28 6.08
C ASN A 440 -1.87 -8.28 7.36
N ASN A 441 -2.35 -8.89 8.46
CA ASN A 441 -1.76 -8.73 9.80
C ASN A 441 -0.54 -9.68 9.92
N THR A 442 0.62 -9.24 9.43
CA THR A 442 1.82 -10.09 9.45
C THR A 442 2.54 -9.99 10.81
N ALA A 443 2.10 -9.04 11.64
CA ALA A 443 2.57 -8.85 13.00
C ALA A 443 2.10 -9.96 13.95
N LYS A 444 1.01 -10.65 13.57
CA LYS A 444 0.34 -11.63 14.38
C LYS A 444 -0.15 -10.98 15.67
N TYR A 445 -0.57 -9.73 15.57
CA TYR A 445 -1.20 -9.03 16.68
C TYR A 445 -2.65 -9.49 16.78
N ALA A 446 -3.12 -9.83 18.00
CA ALA A 446 -4.52 -10.25 18.22
C ALA A 446 -4.99 -9.84 19.61
N ASN A 447 -5.92 -8.88 19.67
CA ASN A 447 -6.56 -8.45 20.89
C ASN A 447 -8.06 -8.36 20.64
N PRO A 448 -8.90 -9.23 21.28
CA PRO A 448 -10.36 -9.18 21.09
C PRO A 448 -10.94 -7.80 21.38
N GLU A 449 -10.27 -7.05 22.28
CA GLU A 449 -10.74 -5.70 22.65
C GLU A 449 -10.49 -4.73 21.49
N TYR A 450 -9.38 -4.92 20.76
CA TYR A 450 -9.11 -4.12 19.55
C TYR A 450 -10.23 -4.37 18.50
N ASP A 451 -10.49 -5.66 18.23
CA ASP A 451 -11.50 -6.07 17.29
C ASP A 451 -12.88 -5.49 17.70
N LYS A 452 -13.20 -5.51 19.01
CA LYS A 452 -14.47 -4.98 19.49
C LYS A 452 -14.57 -3.48 19.27
N ALA A 453 -13.47 -2.75 19.53
CA ALA A 453 -13.43 -1.29 19.33
C ALA A 453 -13.71 -0.96 17.86
N MET A 454 -13.03 -1.67 16.95
CA MET A 454 -13.22 -1.48 15.54
C MET A 454 -14.67 -1.80 15.15
N ALA A 455 -15.25 -2.86 15.70
CA ALA A 455 -16.60 -3.30 15.34
C ALA A 455 -17.65 -2.24 15.71
N GLU A 456 -17.39 -1.47 16.77
CA GLU A 456 -18.33 -0.42 17.24
C GLU A 456 -18.50 0.67 16.16
N SER A 457 -17.49 0.85 15.29
CA SER A 457 -17.60 1.88 14.25
C SER A 457 -18.83 1.68 13.36
N TYR A 458 -19.26 0.42 13.12
CA TYR A 458 -20.40 0.11 12.21
C TYR A 458 -21.74 0.31 12.90
N ALA A 459 -21.71 0.45 14.22
CA ALA A 459 -22.88 0.84 15.02
C ALA A 459 -22.98 2.37 15.08
N ALA A 460 -21.91 3.09 14.75
CA ALA A 460 -21.99 4.56 14.72
C ALA A 460 -22.86 4.98 13.53
N THR A 461 -23.49 6.15 13.66
CA THR A 461 -24.35 6.68 12.61
C THR A 461 -23.76 7.96 12.05
N ASP A 462 -22.50 8.30 12.39
CA ASP A 462 -21.92 9.52 11.86
C ASP A 462 -20.40 9.47 12.00
N ALA A 463 -19.73 10.44 11.37
CA ALA A 463 -18.30 10.46 11.25
C ALA A 463 -17.66 10.52 12.64
N GLU A 464 -18.28 11.28 13.56
CA GLU A 464 -17.73 11.48 14.89
C GLU A 464 -17.73 10.15 15.65
N GLY A 465 -18.83 9.41 15.54
CA GLY A 465 -18.95 8.13 16.18
C GLY A 465 -17.93 7.15 15.67
N ARG A 466 -17.70 7.16 14.35
CA ARG A 466 -16.68 6.28 13.72
C ARG A 466 -15.29 6.70 14.24
N ALA A 467 -15.05 8.01 14.30
CA ALA A 467 -13.72 8.53 14.63
C ALA A 467 -13.39 8.19 16.09
N LYS A 468 -14.40 8.22 16.95
CA LYS A 468 -14.23 7.79 18.34
C LYS A 468 -13.86 6.31 18.42
N ALA A 469 -14.52 5.44 17.65
CA ALA A 469 -14.22 4.02 17.73
C ALA A 469 -12.78 3.75 17.23
N TYR A 470 -12.37 4.45 16.16
CA TYR A 470 -11.02 4.30 15.65
C TYR A 470 -9.99 4.78 16.68
N ALA A 471 -10.27 5.88 17.40
CA ALA A 471 -9.36 6.37 18.44
C ALA A 471 -9.18 5.31 19.55
N LYS A 472 -10.27 4.65 19.93
CA LYS A 472 -10.21 3.67 21.01
C LYS A 472 -9.42 2.43 20.57
N ALA A 473 -9.54 2.06 19.29
CA ALA A 473 -8.79 0.90 18.77
C ALA A 473 -7.28 1.21 18.80
N GLU A 474 -6.92 2.40 18.35
CA GLU A 474 -5.53 2.79 18.29
C GLU A 474 -4.97 2.86 19.73
N GLU A 475 -5.77 3.31 20.69
CA GLU A 475 -5.35 3.37 22.10
C GLU A 475 -4.97 1.97 22.57
N ILE A 476 -5.78 0.97 22.23
CA ILE A 476 -5.59 -0.39 22.65
C ILE A 476 -4.29 -0.92 22.03
N LEU A 477 -4.15 -0.68 20.72
CA LEU A 477 -3.00 -1.12 19.97
C LEU A 477 -1.75 -0.47 20.58
N GLY A 478 -1.87 0.80 20.99
CA GLY A 478 -0.73 1.54 21.60
C GLY A 478 -0.31 0.99 22.97
N LYS A 479 -1.29 0.63 23.81
CA LYS A 479 -1.03 0.07 25.15
C LYS A 479 -0.45 -1.34 25.06
N ASP A 480 -0.72 -2.05 23.98
CA ASP A 480 -0.08 -3.34 23.71
C ASP A 480 1.32 -3.24 23.07
N TYR A 481 1.72 -2.05 22.62
CA TYR A 481 3.02 -1.86 21.89
C TYR A 481 3.15 -2.90 20.76
N GLY A 482 2.07 -3.10 20.01
CA GLY A 482 2.00 -4.13 19.00
C GLY A 482 3.07 -3.96 17.93
N ILE A 483 3.37 -2.71 17.57
CA ILE A 483 4.45 -2.43 16.60
C ILE A 483 5.25 -1.21 17.09
N VAL A 484 6.26 -0.80 16.30
CA VAL A 484 7.05 0.44 16.54
C VAL A 484 6.82 1.39 15.36
N PRO A 485 5.77 2.25 15.40
CA PRO A 485 5.54 3.22 14.34
C PRO A 485 6.71 4.21 14.39
N ILE A 486 7.17 4.69 13.21
CA ILE A 486 8.29 5.64 13.17
C ILE A 486 7.90 6.98 12.55
N PHE A 487 7.37 6.97 11.31
CA PHE A 487 7.01 8.21 10.66
C PHE A 487 5.83 8.04 9.69
N ASN A 488 5.22 9.19 9.41
CA ASN A 488 4.30 9.36 8.33
C ASN A 488 5.05 9.86 7.09
N TYR A 489 4.71 9.24 5.96
CA TYR A 489 5.50 9.36 4.74
C TYR A 489 5.37 10.72 4.05
N VAL A 490 6.46 11.08 3.38
CA VAL A 490 6.36 11.85 2.15
C VAL A 490 6.96 10.96 1.05
N ASN A 491 6.62 11.28 -0.19
CA ASN A 491 7.08 10.50 -1.33
C ASN A 491 7.87 11.46 -2.23
N PRO A 492 9.19 11.55 -2.05
CA PRO A 492 10.02 12.40 -2.89
C PRO A 492 10.31 11.65 -4.20
N ARG A 493 10.22 12.36 -5.32
CA ARG A 493 10.47 11.78 -6.60
C ARG A 493 11.14 12.83 -7.49
N LEU A 494 11.96 12.38 -8.44
CA LEU A 494 12.34 13.24 -9.54
C LEU A 494 11.46 12.91 -10.76
N VAL A 495 10.94 13.97 -11.42
CA VAL A 495 10.14 13.87 -12.63
C VAL A 495 10.68 14.85 -13.68
N LYS A 496 10.96 14.35 -14.89
CA LYS A 496 11.57 15.23 -15.89
C LYS A 496 10.63 16.36 -16.29
N PRO A 497 11.16 17.49 -16.77
CA PRO A 497 10.33 18.65 -17.10
C PRO A 497 9.42 18.40 -18.30
N TYR A 498 9.76 17.45 -19.17
CA TYR A 498 8.89 17.12 -20.29
C TYR A 498 7.77 16.12 -19.90
N VAL A 499 7.78 15.58 -18.67
CA VAL A 499 6.68 14.72 -18.20
C VAL A 499 5.60 15.57 -17.53
N LYS A 500 4.37 15.46 -18.04
CA LYS A 500 3.22 16.16 -17.54
C LYS A 500 2.16 15.17 -17.07
N GLY A 501 1.31 15.61 -16.13
CA GLY A 501 0.21 14.84 -15.55
C GLY A 501 0.55 14.19 -14.22
N TYR A 502 1.74 14.46 -13.68
CA TYR A 502 2.07 14.06 -12.30
C TYR A 502 1.89 15.27 -11.37
N SER A 503 1.06 15.14 -10.34
CA SER A 503 0.57 16.35 -9.61
C SER A 503 1.46 16.70 -8.42
N GLY A 504 1.94 15.69 -7.68
CA GLY A 504 2.52 15.93 -6.41
C GLY A 504 1.48 16.12 -5.31
N LYS A 505 0.22 15.75 -5.57
CA LYS A 505 -0.90 16.06 -4.67
C LYS A 505 -1.79 14.85 -4.41
N ASP A 506 -1.45 13.69 -4.97
CA ASP A 506 -2.22 12.48 -4.82
C ASP A 506 -1.81 11.85 -3.48
N PRO A 507 -2.70 11.80 -2.47
CA PRO A 507 -2.33 11.24 -1.18
C PRO A 507 -1.95 9.75 -1.19
N GLN A 508 -2.27 9.02 -2.24
CA GLN A 508 -1.86 7.63 -2.44
C GLN A 508 -0.72 7.52 -3.45
N ASP A 509 -0.39 8.63 -4.13
CA ASP A 509 0.77 8.75 -5.08
C ASP A 509 0.77 7.61 -6.12
N HIS A 510 -0.38 7.39 -6.76
CA HIS A 510 -0.49 6.43 -7.84
C HIS A 510 0.14 7.05 -9.09
N ILE A 511 0.70 6.21 -9.95
CA ILE A 511 1.00 6.65 -11.30
C ILE A 511 0.23 5.75 -12.27
N TYR A 512 -0.72 6.36 -12.95
CA TYR A 512 -1.45 5.73 -14.03
C TYR A 512 -0.86 6.29 -15.32
N LEU A 513 -0.33 5.43 -16.17
CA LEU A 513 0.21 5.88 -17.44
C LEU A 513 -0.84 6.64 -18.25
N ARG A 514 -2.13 6.28 -18.14
CA ARG A 514 -3.17 6.98 -18.88
C ARG A 514 -3.35 8.45 -18.46
N ASN A 515 -2.75 8.89 -17.35
CA ASN A 515 -2.86 10.26 -16.87
C ASN A 515 -1.66 11.11 -17.31
N LEU A 516 -0.65 10.53 -18.00
CA LEU A 516 0.58 11.25 -18.28
C LEU A 516 0.64 11.62 -19.77
N TYR A 517 1.54 12.55 -20.10
CA TYR A 517 1.80 12.93 -21.51
C TYR A 517 3.19 13.56 -21.54
N ILE A 518 3.88 13.39 -22.68
CA ILE A 518 5.18 13.99 -22.92
C ILE A 518 4.99 15.24 -23.80
N ILE A 519 5.51 16.38 -23.34
CA ILE A 519 5.50 17.63 -24.12
C ILE A 519 6.80 17.81 -24.88
N LYS A 520 6.73 18.63 -25.93
CA LYS A 520 7.84 18.78 -26.87
C LYS A 520 8.87 19.77 -26.31
N HIS A 521 8.48 21.01 -25.99
CA HIS A 521 9.47 22.13 -25.80
C HIS A 521 9.77 22.44 -24.32
N ALA B 1 -1.66 -1.09 1.24
CA ALA B 1 -0.67 -1.74 0.32
C ALA B 1 0.71 -1.64 1.00
N ALA B 2 1.51 -2.70 0.88
CA ALA B 2 2.85 -2.72 1.48
C ALA B 2 3.78 -1.86 0.61
N ALA B 3 4.47 -0.92 1.24
CA ALA B 3 5.28 0.06 0.52
C ALA B 3 6.71 -0.47 0.38
N ALA B 4 7.23 -0.42 -0.87
CA ALA B 4 8.61 -0.77 -1.25
C ALA B 4 9.58 0.23 -0.60
C ACT C . 8.66 -0.44 38.23
O ACT C . 8.58 -1.45 37.52
OXT ACT C . 7.82 -0.29 39.11
CH3 ACT C . 9.75 0.57 38.03
C ACT D . -30.95 -0.95 -10.80
O ACT D . -31.15 -1.72 -11.76
OXT ACT D . -30.70 0.25 -10.93
CH3 ACT D . -31.02 -1.48 -9.40
C ACT E . -12.20 14.17 9.57
O ACT E . -13.31 13.81 10.00
OXT ACT E . -11.21 14.20 10.33
CH3 ACT E . -12.09 14.58 8.13
S SO4 F . 6.06 -15.11 -18.86
O1 SO4 F . 4.81 -14.39 -18.54
O2 SO4 F . 5.97 -15.88 -20.12
O3 SO4 F . 7.06 -14.01 -19.00
O4 SO4 F . 6.30 -16.03 -17.75
S SO4 G . -3.35 -10.12 -27.64
O1 SO4 G . -2.59 -9.35 -28.62
O2 SO4 G . -4.57 -10.68 -28.32
O3 SO4 G . -3.63 -9.24 -26.49
O4 SO4 G . -2.49 -11.22 -27.13
#